data_5C0G
#
_entry.id   5C0G
#
_cell.length_a   55.030
_cell.length_b   79.170
_cell.length_c   58.290
_cell.angle_alpha   90.000
_cell.angle_beta   115.540
_cell.angle_gamma   90.000
#
_symmetry.space_group_name_H-M   'P 1 21 1'
#
loop_
_entity.id
_entity.type
_entity.pdbx_description
1 polymer 'HLA class I histocompatibility antigen, A-2 alpha chain'
2 polymer Beta-2-microglobulin
3 polymer 'Marker peptide'
4 non-polymer 1,2-ETHANEDIOL
5 non-polymer 'SULFATE ION'
6 water water
#
loop_
_entity_poly.entity_id
_entity_poly.type
_entity_poly.pdbx_seq_one_letter_code
_entity_poly.pdbx_strand_id
1 'polypeptide(L)'
;GSHSMRYFFTSVSRPGRGEPRFIAVGYVDDTQFVRFDSDAASQRMEPRAPWIEQEGPEYWDGETRKVKAHSQTHRVDLGT
LRGYYNQSEAGSHTVQRMYGCDVGSDWRFLRGYHQYAYDGKDYIALKEDLRSWTAADMAAQTTKHKWEAAHVAEQLRAYL
EGTCVEWLRRYLENGKETLQRTDAPKTHMTHHAVSDHEATLRCWALSFYPAEITLTWQRDGEDQTQDTELVETRPAGDGT
FQKWAAVVVPSGQEQRYTCHVQHEGLPKPLTLRWEP
;
A
2 'polypeptide(L)'
;MIQRTPKIQVYSRHPAENGKSNFLNCYVSGFHPSDIEVDLLKNGERIEKVEHSDLSFSKDWSFYLLYYTEFTPTEKDEYA
CRVNHVTLSQPKIVKWDRDM
;
B
3 'polypeptide(L)' YLGGPDFPTI C
#
# COMPACT_ATOMS: atom_id res chain seq x y z
N GLY A 1 -13.76 0.88 15.97
CA GLY A 1 -13.25 -0.30 15.23
C GLY A 1 -11.83 -0.57 15.69
N SER A 2 -11.29 -1.60 15.11
CA SER A 2 -9.92 -2.02 15.37
C SER A 2 -8.92 -1.04 14.70
N HIS A 3 -7.69 -1.08 15.18
CA HIS A 3 -6.65 -0.19 14.60
C HIS A 3 -5.35 -0.97 14.55
N SER A 4 -4.41 -0.44 13.80
CA SER A 4 -3.08 -1.00 13.70
C SER A 4 -2.00 0.04 13.57
N MET A 5 -0.82 -0.34 14.03
CA MET A 5 0.39 0.43 13.69
C MET A 5 1.32 -0.55 12.99
N ARG A 6 1.88 -0.12 11.87
CA ARG A 6 2.71 -1.03 11.05
C ARG A 6 3.84 -0.24 10.47
N TYR A 7 4.99 -0.87 10.47
CA TYR A 7 6.18 -0.34 9.77
C TYR A 7 6.59 -1.29 8.70
N PHE A 8 6.98 -0.69 7.55
CA PHE A 8 7.37 -1.38 6.35
C PHE A 8 8.77 -0.92 5.98
N PHE A 9 9.67 -1.87 5.70
CA PHE A 9 11.05 -1.53 5.37
C PHE A 9 11.48 -2.25 4.12
N THR A 10 12.14 -1.55 3.22
CA THR A 10 12.66 -2.16 2.01
C THR A 10 14.13 -1.77 1.86
N SER A 11 15.01 -2.74 1.63
CA SER A 11 16.38 -2.45 1.27
C SER A 11 16.72 -3.14 0.01
N VAL A 12 17.38 -2.41 -0.89
CA VAL A 12 17.70 -2.98 -2.22
C VAL A 12 19.23 -2.77 -2.43
N SER A 13 19.95 -3.87 -2.63
CA SER A 13 21.37 -3.77 -2.78
C SER A 13 21.77 -3.11 -4.09
N ARG A 14 22.92 -2.47 -4.04
CA ARG A 14 23.47 -1.73 -5.18
C ARG A 14 24.89 -2.26 -5.50
N PRO A 15 24.99 -3.30 -6.29
CA PRO A 15 26.26 -3.90 -6.53
C PRO A 15 27.24 -3.04 -7.25
N GLY A 16 26.79 -2.12 -8.06
CA GLY A 16 27.66 -1.27 -8.84
C GLY A 16 28.49 -0.27 -8.02
N ARG A 17 27.81 0.29 -7.04
CA ARG A 17 28.46 1.27 -6.16
C ARG A 17 27.59 1.56 -4.97
N GLY A 18 28.22 1.55 -3.79
CA GLY A 18 27.59 2.10 -2.66
C GLY A 18 26.72 1.21 -1.81
N GLU A 19 25.94 1.82 -0.92
N GLU A 19 25.95 1.78 -0.93
CA GLU A 19 25.07 1.14 0.07
CA GLU A 19 25.18 1.02 0.04
C GLU A 19 23.72 0.81 -0.50
C GLU A 19 23.77 0.82 -0.47
N PRO A 20 23.00 -0.10 0.13
CA PRO A 20 21.66 -0.37 -0.31
C PRO A 20 20.71 0.82 -0.19
N ARG A 21 19.78 0.95 -1.11
CA ARG A 21 18.73 1.93 -0.98
C ARG A 21 17.82 1.38 0.12
N PHE A 22 17.47 2.21 1.09
CA PHE A 22 16.63 1.84 2.24
C PHE A 22 15.51 2.83 2.35
N ILE A 23 14.27 2.28 2.36
CA ILE A 23 13.11 3.10 2.57
C ILE A 23 12.26 2.50 3.66
N ALA A 24 11.91 3.31 4.63
CA ALA A 24 11.03 2.88 5.77
C ALA A 24 9.81 3.75 5.77
N VAL A 25 8.62 3.16 5.95
CA VAL A 25 7.39 3.94 6.12
C VAL A 25 6.64 3.37 7.34
N GLY A 26 5.97 4.28 8.05
CA GLY A 26 5.14 3.86 9.20
C GLY A 26 3.72 4.31 8.95
N TYR A 27 2.76 3.46 9.30
CA TYR A 27 1.32 3.68 9.17
C TYR A 27 0.58 3.42 10.46
N VAL A 28 -0.46 4.25 10.66
CA VAL A 28 -1.51 3.96 11.63
C VAL A 28 -2.72 3.74 10.74
N ASP A 29 -3.27 2.52 10.82
CA ASP A 29 -4.37 2.17 9.92
C ASP A 29 -3.94 2.40 8.49
N ASP A 30 -4.72 3.13 7.67
CA ASP A 30 -4.33 3.40 6.30
C ASP A 30 -3.68 4.77 6.12
N THR A 31 -3.17 5.32 7.21
CA THR A 31 -2.54 6.68 7.19
C THR A 31 -1.03 6.57 7.41
N GLN A 32 -0.26 6.93 6.38
CA GLN A 32 1.21 7.03 6.53
C GLN A 32 1.54 8.22 7.44
N PHE A 33 2.40 8.03 8.41
CA PHE A 33 2.78 9.10 9.30
C PHE A 33 4.26 9.43 9.41
N VAL A 34 5.13 8.54 8.96
CA VAL A 34 6.57 8.84 8.98
C VAL A 34 7.20 8.17 7.77
N ARG A 35 8.35 8.70 7.35
N ARG A 35 8.39 8.64 7.44
CA ARG A 35 9.21 8.05 6.32
CA ARG A 35 9.22 7.91 6.52
C ARG A 35 10.68 8.25 6.65
C ARG A 35 10.67 8.15 6.79
N PHE A 36 11.48 7.29 6.20
CA PHE A 36 12.94 7.50 6.10
C PHE A 36 13.34 7.05 4.77
N ASP A 37 14.17 7.80 4.05
CA ASP A 37 14.75 7.34 2.74
C ASP A 37 16.23 7.61 2.84
N SER A 38 17.06 6.60 2.73
CA SER A 38 18.50 6.78 2.79
C SER A 38 19.01 7.67 1.68
N ASP A 39 18.28 7.89 0.61
CA ASP A 39 18.75 8.86 -0.43
C ASP A 39 18.29 10.30 -0.20
N ALA A 40 17.42 10.56 0.77
CA ALA A 40 17.00 11.94 1.05
C ALA A 40 18.12 12.68 1.79
N ALA A 41 18.10 14.00 1.65
CA ALA A 41 19.14 14.84 2.24
C ALA A 41 19.10 14.90 3.73
N SER A 42 17.92 14.86 4.34
CA SER A 42 17.84 15.09 5.77
C SER A 42 18.60 14.04 6.59
N GLN A 43 18.61 12.79 6.13
CA GLN A 43 19.11 11.67 6.95
C GLN A 43 18.38 11.62 8.29
N ARG A 44 17.11 11.98 8.29
CA ARG A 44 16.25 11.96 9.48
C ARG A 44 14.99 11.19 9.19
N MET A 45 14.40 10.60 10.24
CA MET A 45 12.98 10.24 10.14
C MET A 45 12.19 11.51 9.94
N GLU A 46 11.22 11.46 8.99
N GLU A 46 11.23 11.48 9.00
CA GLU A 46 10.45 12.65 8.52
CA GLU A 46 10.47 12.70 8.70
C GLU A 46 8.95 12.47 8.71
C GLU A 46 8.99 12.46 8.95
N PRO A 47 8.25 13.51 9.22
CA PRO A 47 6.79 13.40 9.40
C PRO A 47 6.11 13.36 8.07
N ARG A 48 4.99 12.61 8.00
N ARG A 48 4.98 12.64 8.02
CA ARG A 48 4.12 12.53 6.83
CA ARG A 48 4.12 12.52 6.83
C ARG A 48 2.65 12.81 7.18
C ARG A 48 2.64 12.59 7.19
N ALA A 49 2.36 12.99 8.44
CA ALA A 49 0.98 13.36 8.86
C ALA A 49 1.08 14.50 9.87
N PRO A 50 0.13 15.38 9.88
CA PRO A 50 0.26 16.51 10.81
C PRO A 50 0.33 16.22 12.28
N TRP A 51 -0.40 15.21 12.74
CA TRP A 51 -0.50 14.91 14.12
C TRP A 51 0.80 14.34 14.74
N ILE A 52 1.74 13.91 13.89
CA ILE A 52 3.02 13.47 14.40
C ILE A 52 4.02 14.64 14.59
N GLU A 53 3.72 15.82 14.01
CA GLU A 53 4.67 16.96 14.03
C GLU A 53 4.82 17.51 15.41
N GLN A 54 3.83 17.32 16.23
CA GLN A 54 3.93 17.75 17.63
C GLN A 54 4.91 16.97 18.47
N GLU A 55 5.36 15.79 18.04
CA GLU A 55 6.39 15.13 18.85
C GLU A 55 7.66 15.99 18.83
N GLY A 56 8.32 15.91 19.95
CA GLY A 56 9.49 16.71 20.23
C GLY A 56 10.80 16.14 19.77
N PRO A 57 11.87 16.91 19.88
CA PRO A 57 13.12 16.50 19.30
C PRO A 57 13.64 15.19 19.83
N GLU A 58 13.37 14.89 21.11
N GLU A 58 13.41 14.82 21.10
CA GLU A 58 13.71 13.61 21.69
CA GLU A 58 13.90 13.50 21.50
C GLU A 58 13.14 12.43 20.85
C GLU A 58 13.16 12.37 20.77
N TYR A 59 11.87 12.56 20.49
CA TYR A 59 11.18 11.58 19.63
C TYR A 59 11.90 11.42 18.29
N TRP A 60 12.10 12.54 17.59
CA TRP A 60 12.68 12.45 16.23
C TRP A 60 14.11 11.94 16.23
N ASP A 61 14.85 12.35 17.25
CA ASP A 61 16.23 11.80 17.37
C ASP A 61 16.21 10.32 17.58
N GLY A 62 15.32 9.82 18.45
CA GLY A 62 15.26 8.39 18.74
C GLY A 62 14.78 7.62 17.55
N GLU A 63 13.77 8.15 16.85
CA GLU A 63 13.29 7.40 15.69
C GLU A 63 14.35 7.35 14.57
N THR A 64 15.10 8.45 14.47
CA THR A 64 16.18 8.50 13.48
C THR A 64 17.26 7.48 13.85
N ARG A 65 17.64 7.43 15.10
CA ARG A 65 18.67 6.44 15.49
C ARG A 65 18.17 5.04 15.23
N LYS A 66 16.95 4.74 15.61
CA LYS A 66 16.45 3.39 15.44
C LYS A 66 16.32 3.04 13.99
N VAL A 67 15.81 3.90 13.16
CA VAL A 67 15.61 3.59 11.77
C VAL A 67 16.95 3.36 11.02
N LYS A 68 17.96 4.11 11.40
CA LYS A 68 19.31 3.90 10.83
C LYS A 68 19.83 2.54 11.25
N ALA A 69 19.61 2.15 12.47
CA ALA A 69 20.01 0.83 12.92
C ALA A 69 19.33 -0.26 12.15
N HIS A 70 18.06 -0.08 11.85
CA HIS A 70 17.37 -1.05 11.07
C HIS A 70 18.03 -1.18 9.67
N SER A 71 18.38 -0.01 9.10
CA SER A 71 19.01 -0.02 7.76
C SER A 71 20.33 -0.79 7.80
N GLN A 72 21.12 -0.63 8.85
CA GLN A 72 22.39 -1.35 8.97
C GLN A 72 22.18 -2.85 9.07
N THR A 73 21.18 -3.27 9.88
CA THR A 73 20.87 -4.69 9.95
C THR A 73 20.46 -5.25 8.62
N HIS A 74 19.68 -4.51 7.83
CA HIS A 74 19.30 -5.02 6.53
C HIS A 74 20.52 -5.08 5.59
N ARG A 75 21.44 -4.09 5.73
CA ARG A 75 22.65 -4.17 4.89
C ARG A 75 23.41 -5.46 5.20
N VAL A 76 23.60 -5.76 6.47
CA VAL A 76 24.30 -6.97 6.81
C VAL A 76 23.57 -8.18 6.26
N ASP A 77 22.28 -8.21 6.51
CA ASP A 77 21.48 -9.33 6.01
C ASP A 77 21.55 -9.55 4.52
N LEU A 78 21.57 -8.48 3.72
CA LEU A 78 21.74 -8.67 2.29
C LEU A 78 23.01 -9.45 1.97
N GLY A 79 24.11 -9.11 2.67
CA GLY A 79 25.35 -9.87 2.46
C GLY A 79 25.24 -11.31 2.87
N THR A 80 24.68 -11.53 4.04
CA THR A 80 24.58 -12.92 4.52
C THR A 80 23.69 -13.77 3.67
N LEU A 81 22.59 -13.20 3.20
CA LEU A 81 21.60 -13.91 2.37
C LEU A 81 22.22 -14.24 1.03
N ARG A 82 23.03 -13.35 0.45
N ARG A 82 23.00 -13.34 0.42
CA ARG A 82 23.67 -13.60 -0.81
CA ARG A 82 23.68 -13.62 -0.83
C ARG A 82 24.56 -14.85 -0.72
C ARG A 82 24.46 -14.94 -0.68
N GLY A 83 25.19 -15.04 0.42
CA GLY A 83 25.98 -16.24 0.66
C GLY A 83 25.12 -17.46 0.98
N TYR A 84 24.11 -17.33 1.81
CA TYR A 84 23.22 -18.49 2.06
C TYR A 84 22.67 -19.04 0.76
N TYR A 85 22.32 -18.22 -0.20
CA TYR A 85 21.66 -18.63 -1.43
C TYR A 85 22.65 -18.83 -2.61
N ASN A 86 23.92 -18.71 -2.30
CA ASN A 86 25.04 -18.95 -3.24
C ASN A 86 24.89 -18.07 -4.47
N GLN A 87 24.57 -16.80 -4.21
CA GLN A 87 24.40 -15.87 -5.31
C GLN A 87 25.66 -15.06 -5.56
N SER A 88 25.73 -14.57 -6.79
CA SER A 88 26.81 -13.72 -7.28
C SER A 88 26.82 -12.37 -6.56
N GLU A 89 27.97 -11.71 -6.47
CA GLU A 89 28.00 -10.30 -6.09
C GLU A 89 27.47 -9.34 -7.16
N ALA A 90 27.16 -9.80 -8.33
CA ALA A 90 26.81 -8.92 -9.39
C ALA A 90 25.39 -8.41 -9.35
N GLY A 91 24.46 -9.15 -8.75
CA GLY A 91 23.09 -8.82 -8.84
C GLY A 91 22.57 -7.98 -7.67
N SER A 92 21.49 -7.24 -7.92
CA SER A 92 20.80 -6.54 -6.85
C SER A 92 19.75 -7.45 -6.25
N HIS A 93 19.61 -7.39 -4.93
CA HIS A 93 18.67 -8.16 -4.20
C HIS A 93 17.92 -7.31 -3.20
N THR A 94 16.82 -7.85 -2.69
CA THR A 94 15.90 -7.06 -1.86
C THR A 94 15.61 -7.78 -0.55
N VAL A 95 15.64 -7.05 0.57
N VAL A 95 15.67 -7.08 0.58
CA VAL A 95 15.12 -7.52 1.87
CA VAL A 95 15.01 -7.58 1.78
C VAL A 95 13.90 -6.63 2.18
C VAL A 95 13.85 -6.65 2.11
N GLN A 96 12.80 -7.25 2.68
CA GLN A 96 11.62 -6.51 3.13
C GLN A 96 11.30 -7.00 4.52
N ARG A 97 10.86 -6.06 5.38
CA ARG A 97 10.46 -6.42 6.75
C ARG A 97 9.16 -5.65 7.04
N MET A 98 8.19 -6.29 7.68
CA MET A 98 7.01 -5.56 8.16
C MET A 98 6.79 -6.05 9.57
N TYR A 99 6.53 -5.10 10.49
CA TYR A 99 6.09 -5.53 11.82
C TYR A 99 5.08 -4.51 12.38
N GLY A 100 4.36 -4.96 13.41
CA GLY A 100 3.42 -4.00 14.01
C GLY A 100 2.45 -4.77 14.89
N CYS A 101 1.41 -4.02 15.31
CA CYS A 101 0.44 -4.53 16.25
C CYS A 101 -0.92 -4.04 15.83
N ASP A 102 -1.89 -4.90 16.14
CA ASP A 102 -3.33 -4.57 16.04
C ASP A 102 -3.91 -4.48 17.45
N VAL A 103 -4.84 -3.52 17.61
CA VAL A 103 -5.72 -3.40 18.77
C VAL A 103 -7.18 -3.55 18.33
N GLY A 104 -8.02 -4.02 19.23
CA GLY A 104 -9.45 -4.07 18.98
C GLY A 104 -10.11 -2.73 19.17
N SER A 105 -11.44 -2.75 19.09
N SER A 105 -11.45 -2.70 19.02
CA SER A 105 -12.21 -1.54 19.23
CA SER A 105 -12.21 -1.46 19.20
C SER A 105 -12.05 -0.97 20.60
C SER A 105 -12.18 -0.99 20.66
N ASP A 106 -11.73 -1.87 21.54
CA ASP A 106 -11.39 -1.50 22.91
C ASP A 106 -10.01 -0.87 23.11
N TRP A 107 -9.24 -0.76 22.06
CA TRP A 107 -7.87 -0.27 21.98
C TRP A 107 -6.92 -1.09 22.85
N ARG A 108 -7.22 -2.36 23.02
CA ARG A 108 -6.33 -3.29 23.71
C ARG A 108 -5.76 -4.30 22.70
N PHE A 109 -4.59 -4.83 23.08
CA PHE A 109 -3.82 -5.69 22.19
C PHE A 109 -4.67 -6.84 21.65
N LEU A 110 -4.62 -6.97 20.35
CA LEU A 110 -5.24 -8.07 19.61
C LEU A 110 -4.25 -9.02 18.99
N ARG A 111 -3.24 -8.52 18.30
CA ARG A 111 -2.23 -9.41 17.68
C ARG A 111 -1.02 -8.61 17.28
N GLY A 112 0.10 -9.31 17.17
CA GLY A 112 1.33 -8.72 16.71
C GLY A 112 1.90 -9.52 15.58
N TYR A 113 2.84 -8.92 14.88
CA TYR A 113 3.47 -9.63 13.72
C TYR A 113 4.81 -9.02 13.42
N HIS A 114 5.67 -9.88 12.85
CA HIS A 114 7.01 -9.46 12.42
C HIS A 114 7.41 -10.45 11.33
N GLN A 115 7.54 -9.97 10.14
CA GLN A 115 7.73 -10.84 8.95
C GLN A 115 8.88 -10.28 8.12
N TYR A 116 9.61 -11.22 7.49
CA TYR A 116 10.81 -10.87 6.71
C TYR A 116 10.78 -11.64 5.43
N ALA A 117 11.16 -11.03 4.35
CA ALA A 117 11.22 -11.61 3.00
C ALA A 117 12.51 -11.28 2.30
N TYR A 118 12.96 -12.21 1.48
CA TYR A 118 14.14 -12.08 0.68
C TYR A 118 13.76 -12.26 -0.76
N ASP A 119 14.10 -11.29 -1.60
CA ASP A 119 13.73 -11.29 -2.99
C ASP A 119 12.25 -11.54 -3.22
N GLY A 120 11.43 -11.00 -2.33
CA GLY A 120 9.99 -11.02 -2.56
C GLY A 120 9.29 -12.26 -2.11
N LYS A 121 10.00 -13.16 -1.44
N LYS A 121 10.00 -13.17 -1.45
CA LYS A 121 9.44 -14.42 -0.93
CA LYS A 121 9.42 -14.41 -0.91
C LYS A 121 9.66 -14.52 0.57
C LYS A 121 9.65 -14.52 0.57
N ASP A 122 8.73 -15.16 1.24
CA ASP A 122 8.83 -15.36 2.70
C ASP A 122 10.20 -15.90 3.02
N TYR A 123 10.81 -15.40 4.08
CA TYR A 123 11.99 -15.93 4.69
C TYR A 123 11.71 -16.45 6.09
N ILE A 124 11.43 -15.57 7.04
CA ILE A 124 11.09 -16.01 8.38
C ILE A 124 10.07 -15.06 8.94
N ALA A 125 9.20 -15.53 9.79
CA ALA A 125 8.12 -14.71 10.37
C ALA A 125 7.85 -15.20 11.79
N LEU A 126 7.47 -14.29 12.68
CA LEU A 126 7.02 -14.66 14.01
C LEU A 126 5.62 -15.31 13.87
N LYS A 127 5.40 -16.43 14.61
CA LYS A 127 4.06 -16.99 14.71
C LYS A 127 3.16 -16.10 15.55
N GLU A 128 1.85 -16.39 15.49
N GLU A 128 1.83 -16.30 15.46
CA GLU A 128 0.84 -15.55 16.14
CA GLU A 128 0.89 -15.41 16.17
C GLU A 128 1.03 -15.54 17.65
C GLU A 128 1.10 -15.50 17.68
N ASP A 129 1.59 -16.61 18.22
CA ASP A 129 1.87 -16.62 19.66
C ASP A 129 3.02 -15.73 20.13
N LEU A 130 3.80 -15.22 19.17
CA LEU A 130 4.91 -14.34 19.40
C LEU A 130 5.97 -15.01 20.21
N ARG A 131 6.02 -16.36 20.12
CA ARG A 131 7.00 -17.14 20.88
C ARG A 131 7.85 -18.04 19.98
N SER A 132 7.46 -18.18 18.71
CA SER A 132 8.02 -19.19 17.80
C SER A 132 8.04 -18.60 16.41
N TRP A 133 8.71 -19.25 15.47
CA TRP A 133 8.99 -18.70 14.17
C TRP A 133 8.60 -19.68 13.10
N THR A 134 8.25 -19.13 11.96
CA THR A 134 7.97 -19.92 10.78
C THR A 134 9.16 -19.59 9.80
N ALA A 135 9.99 -20.60 9.49
CA ALA A 135 11.09 -20.49 8.52
C ALA A 135 10.63 -21.20 7.24
N ALA A 136 10.79 -20.50 6.11
CA ALA A 136 10.32 -21.06 4.85
C ALA A 136 11.16 -22.10 4.19
N ASP A 137 12.47 -22.07 4.43
CA ASP A 137 13.41 -22.98 3.80
C ASP A 137 14.61 -23.23 4.76
N MET A 138 15.59 -23.92 4.32
CA MET A 138 16.66 -24.41 5.29
C MET A 138 17.58 -23.27 5.62
N ALA A 139 17.67 -22.24 4.81
CA ALA A 139 18.45 -21.07 5.19
C ALA A 139 17.80 -20.35 6.36
N ALA A 140 16.52 -20.08 6.22
CA ALA A 140 15.76 -19.46 7.30
C ALA A 140 15.70 -20.35 8.48
N GLN A 141 15.78 -21.70 8.31
N GLN A 141 15.79 -21.69 8.29
CA GLN A 141 15.78 -22.58 9.48
CA GLN A 141 15.79 -22.54 9.43
C GLN A 141 17.04 -22.39 10.34
C GLN A 141 17.02 -22.28 10.32
N THR A 142 18.17 -22.07 9.70
CA THR A 142 19.38 -21.74 10.47
C THR A 142 19.14 -20.42 11.22
N THR A 143 18.55 -19.46 10.58
CA THR A 143 18.17 -18.18 11.28
C THR A 143 17.27 -18.46 12.46
N LYS A 144 16.25 -19.29 12.28
N LYS A 144 16.24 -19.30 12.28
CA LYS A 144 15.34 -19.61 13.36
CA LYS A 144 15.33 -19.64 13.36
C LYS A 144 16.06 -20.22 14.55
C LYS A 144 16.06 -20.21 14.55
N HIS A 145 16.96 -21.17 14.32
CA HIS A 145 17.71 -21.73 15.44
C HIS A 145 18.59 -20.66 16.15
N LYS A 146 19.19 -19.81 15.37
CA LYS A 146 19.99 -18.69 15.97
C LYS A 146 19.13 -17.78 16.83
N TRP A 147 17.99 -17.38 16.30
CA TRP A 147 17.12 -16.45 16.99
C TRP A 147 16.45 -17.09 18.20
N GLU A 148 16.14 -18.37 18.15
N GLU A 148 16.12 -18.39 18.12
CA GLU A 148 15.64 -19.04 19.32
CA GLU A 148 15.65 -19.16 19.26
C GLU A 148 16.69 -19.17 20.44
C GLU A 148 16.70 -19.03 20.38
N ALA A 149 17.93 -19.44 20.07
CA ALA A 149 18.99 -19.51 21.09
C ALA A 149 19.22 -18.16 21.76
N ALA A 150 19.13 -17.10 21.00
CA ALA A 150 19.28 -15.71 21.49
C ALA A 150 18.02 -15.08 22.10
N HIS A 151 16.92 -15.83 22.18
CA HIS A 151 15.67 -15.36 22.78
C HIS A 151 15.16 -14.10 22.15
N VAL A 152 15.24 -14.02 20.82
CA VAL A 152 14.75 -12.78 20.19
C VAL A 152 13.25 -12.63 20.25
N ALA A 153 12.44 -13.70 20.17
CA ALA A 153 10.98 -13.56 20.17
C ALA A 153 10.51 -12.88 21.47
N GLU A 154 11.20 -13.09 22.59
CA GLU A 154 10.77 -12.53 23.90
C GLU A 154 10.91 -11.02 23.90
N GLN A 155 11.99 -10.51 23.35
CA GLN A 155 12.18 -9.07 23.18
C GLN A 155 11.17 -8.38 22.22
N LEU A 156 10.93 -9.03 21.10
CA LEU A 156 9.95 -8.55 20.15
C LEU A 156 8.55 -8.61 20.74
N ARG A 157 8.24 -9.66 21.49
N ARG A 157 8.24 -9.65 21.51
CA ARG A 157 6.93 -9.81 22.07
CA ARG A 157 6.89 -9.79 22.04
C ARG A 157 6.66 -8.63 23.01
C ARG A 157 6.63 -8.68 23.06
N ALA A 158 7.66 -8.29 23.82
CA ALA A 158 7.53 -7.17 24.79
C ALA A 158 7.16 -5.86 24.04
N TYR A 159 7.84 -5.59 22.93
CA TYR A 159 7.50 -4.46 22.07
C TYR A 159 6.09 -4.58 21.50
N LEU A 160 5.78 -5.73 20.89
CA LEU A 160 4.54 -5.82 20.10
C LEU A 160 3.30 -5.82 21.00
N GLU A 161 3.40 -6.34 22.23
CA GLU A 161 2.25 -6.41 23.13
C GLU A 161 2.15 -5.20 23.97
N GLY A 162 3.23 -4.46 24.11
CA GLY A 162 3.39 -3.39 25.11
C GLY A 162 3.60 -2.04 24.44
N THR A 163 4.84 -1.73 24.16
CA THR A 163 5.22 -0.44 23.59
C THR A 163 4.46 -0.09 22.32
N CYS A 164 4.31 -1.03 21.43
CA CYS A 164 3.66 -0.77 20.19
C CYS A 164 2.22 -0.29 20.42
N VAL A 165 1.54 -0.99 21.33
CA VAL A 165 0.17 -0.67 21.69
C VAL A 165 0.10 0.68 22.34
N GLU A 166 0.99 0.96 23.27
CA GLU A 166 0.97 2.22 23.97
C GLU A 166 1.11 3.38 23.00
N TRP A 167 2.07 3.30 22.10
CA TRP A 167 2.25 4.38 21.12
C TRP A 167 1.15 4.47 20.11
N LEU A 168 0.61 3.35 19.67
CA LEU A 168 -0.55 3.38 18.77
C LEU A 168 -1.70 4.17 19.44
N ARG A 169 -1.97 3.86 20.69
CA ARG A 169 -3.01 4.60 21.41
C ARG A 169 -2.70 6.07 21.51
N ARG A 170 -1.45 6.45 21.77
CA ARG A 170 -1.07 7.87 21.84
C ARG A 170 -1.39 8.52 20.48
N TYR A 171 -0.99 7.90 19.39
CA TYR A 171 -1.24 8.47 18.07
C TYR A 171 -2.70 8.58 17.73
N LEU A 172 -3.48 7.55 18.10
CA LEU A 172 -4.94 7.60 17.90
C LEU A 172 -5.57 8.77 18.62
N GLU A 173 -5.15 9.04 19.83
CA GLU A 173 -5.64 10.16 20.58
C GLU A 173 -5.17 11.47 19.97
N ASN A 174 -3.89 11.60 19.69
CA ASN A 174 -3.34 12.84 19.15
C ASN A 174 -3.86 13.17 17.76
N GLY A 175 -4.12 12.17 16.94
CA GLY A 175 -4.55 12.35 15.55
C GLY A 175 -6.06 12.11 15.52
N LYS A 176 -6.77 12.21 16.62
CA LYS A 176 -8.22 11.90 16.67
C LYS A 176 -9.05 12.45 15.51
N GLU A 177 -8.84 13.71 15.21
CA GLU A 177 -9.73 14.37 14.21
C GLU A 177 -9.77 13.67 12.90
N THR A 178 -8.68 13.02 12.47
CA THR A 178 -8.63 12.18 11.27
C THR A 178 -8.63 10.71 11.58
N LEU A 179 -7.75 10.25 12.47
CA LEU A 179 -7.55 8.84 12.62
C LEU A 179 -8.82 8.14 13.17
N GLN A 180 -9.61 8.84 13.94
CA GLN A 180 -10.88 8.28 14.44
C GLN A 180 -12.09 8.68 13.64
N ARG A 181 -11.88 9.31 12.51
CA ARG A 181 -12.97 9.69 11.61
C ARG A 181 -13.12 8.67 10.56
N THR A 182 -14.35 8.28 10.27
N THR A 182 -14.33 8.15 10.30
CA THR A 182 -14.59 7.43 9.20
CA THR A 182 -14.56 7.36 9.12
C THR A 182 -15.28 8.21 8.07
C THR A 182 -15.12 8.31 8.09
N ASP A 183 -14.70 8.10 6.86
CA ASP A 183 -15.21 8.83 5.67
C ASP A 183 -15.96 7.78 4.83
N ALA A 184 -17.28 7.79 4.94
CA ALA A 184 -18.07 6.89 4.14
C ALA A 184 -17.94 7.14 2.66
N PRO A 185 -18.08 6.12 1.81
CA PRO A 185 -17.95 6.37 0.40
C PRO A 185 -19.04 7.30 -0.12
N LYS A 186 -18.63 8.16 -1.02
CA LYS A 186 -19.53 9.05 -1.78
C LYS A 186 -19.80 8.29 -3.04
N THR A 187 -21.05 7.87 -3.19
CA THR A 187 -21.40 6.89 -4.24
C THR A 187 -22.26 7.45 -5.35
N HIS A 188 -22.13 6.95 -6.57
CA HIS A 188 -23.00 7.25 -7.64
C HIS A 188 -22.86 6.19 -8.68
N MET A 189 -23.81 6.15 -9.58
N MET A 189 -23.71 6.31 -9.67
CA MET A 189 -23.77 5.23 -10.73
CA MET A 189 -23.77 5.36 -10.76
C MET A 189 -23.77 5.96 -12.06
C MET A 189 -23.64 6.09 -12.06
N THR A 190 -22.95 5.46 -13.01
CA THR A 190 -22.94 5.96 -14.38
C THR A 190 -23.43 4.85 -15.31
N HIS A 191 -23.82 5.29 -16.48
CA HIS A 191 -24.41 4.43 -17.51
C HIS A 191 -23.75 4.70 -18.85
N HIS A 192 -23.39 3.64 -19.57
CA HIS A 192 -22.64 3.77 -20.85
C HIS A 192 -23.23 2.74 -21.81
N ALA A 193 -23.82 3.14 -22.91
CA ALA A 193 -24.41 2.24 -23.91
C ALA A 193 -23.33 1.77 -24.88
N VAL A 194 -23.01 0.50 -24.81
CA VAL A 194 -22.07 -0.11 -25.72
C VAL A 194 -22.63 -0.32 -27.18
N SER A 195 -23.86 -0.77 -27.25
CA SER A 195 -24.56 -0.99 -28.43
C SER A 195 -25.97 -0.59 -28.17
N ASP A 196 -26.84 -0.73 -29.13
CA ASP A 196 -28.26 -0.49 -28.91
C ASP A 196 -28.85 -1.44 -27.88
N HIS A 197 -28.18 -2.58 -27.65
CA HIS A 197 -28.78 -3.65 -26.87
C HIS A 197 -28.08 -3.98 -25.58
N GLU A 198 -26.91 -3.45 -25.29
CA GLU A 198 -26.30 -3.71 -23.98
C GLU A 198 -25.69 -2.43 -23.46
N ALA A 199 -25.66 -2.36 -22.15
CA ALA A 199 -25.21 -1.15 -21.48
C ALA A 199 -24.37 -1.55 -20.29
N THR A 200 -23.40 -0.74 -19.94
N THR A 200 -23.40 -0.73 -19.96
CA THR A 200 -22.63 -0.93 -18.74
CA THR A 200 -22.61 -0.85 -18.77
C THR A 200 -23.01 0.05 -17.64
C THR A 200 -23.15 0.05 -17.69
N LEU A 201 -23.34 -0.48 -16.49
CA LEU A 201 -23.59 0.31 -15.27
C LEU A 201 -22.33 0.26 -14.43
N ARG A 202 -21.85 1.42 -14.00
CA ARG A 202 -20.64 1.49 -13.16
C ARG A 202 -21.00 2.12 -11.86
N CYS A 203 -20.70 1.43 -10.76
N CYS A 203 -20.79 1.43 -10.75
CA CYS A 203 -21.02 1.83 -9.38
CA CYS A 203 -21.09 2.01 -9.45
C CYS A 203 -19.72 2.39 -8.82
C CYS A 203 -19.76 2.39 -8.80
N TRP A 204 -19.74 3.64 -8.39
CA TRP A 204 -18.55 4.35 -7.92
C TRP A 204 -18.61 4.50 -6.43
N ALA A 205 -17.48 4.37 -5.75
CA ALA A 205 -17.26 4.65 -4.37
C ALA A 205 -16.06 5.56 -4.29
N LEU A 206 -16.27 6.78 -3.81
CA LEU A 206 -15.20 7.80 -3.88
C LEU A 206 -14.96 8.37 -2.51
N SER A 207 -13.73 8.85 -2.30
CA SER A 207 -13.31 9.64 -1.16
C SER A 207 -13.62 8.97 0.20
N PHE A 208 -13.30 7.67 0.31
CA PHE A 208 -13.56 6.95 1.53
C PHE A 208 -12.35 6.64 2.28
N TYR A 209 -12.55 6.38 3.57
CA TYR A 209 -11.43 6.00 4.51
C TYR A 209 -12.08 5.27 5.65
N PRO A 210 -11.63 4.08 6.07
CA PRO A 210 -10.40 3.43 5.59
C PRO A 210 -10.61 2.78 4.25
N ALA A 211 -9.55 2.13 3.75
CA ALA A 211 -9.57 1.59 2.40
C ALA A 211 -10.46 0.37 2.23
N GLU A 212 -10.67 -0.43 3.29
CA GLU A 212 -11.47 -1.63 3.21
C GLU A 212 -12.89 -1.31 2.72
N ILE A 213 -13.39 -1.97 1.70
CA ILE A 213 -14.72 -1.73 1.17
C ILE A 213 -15.16 -2.96 0.45
N THR A 214 -16.48 -3.18 0.34
CA THR A 214 -16.98 -4.26 -0.55
C THR A 214 -18.03 -3.68 -1.46
N LEU A 215 -17.88 -3.85 -2.77
CA LEU A 215 -18.87 -3.47 -3.79
C LEU A 215 -19.36 -4.77 -4.41
N THR A 216 -20.67 -5.01 -4.43
N THR A 216 -20.67 -5.00 -4.44
CA THR A 216 -21.27 -6.24 -4.98
CA THR A 216 -21.22 -6.20 -5.11
C THR A 216 -22.33 -5.76 -5.96
C THR A 216 -22.47 -5.89 -5.89
N TRP A 217 -22.56 -6.49 -7.06
CA TRP A 217 -23.71 -6.37 -7.86
C TRP A 217 -24.67 -7.52 -7.62
N GLN A 218 -25.96 -7.21 -7.67
CA GLN A 218 -27.04 -8.18 -7.65
C GLN A 218 -27.95 -7.97 -8.81
N ARG A 219 -28.55 -9.07 -9.27
CA ARG A 219 -29.60 -9.03 -10.27
C ARG A 219 -30.83 -9.64 -9.66
N ASP A 220 -31.94 -8.89 -9.59
CA ASP A 220 -33.15 -9.40 -8.92
C ASP A 220 -32.84 -9.93 -7.52
N GLY A 221 -31.95 -9.25 -6.81
CA GLY A 221 -31.62 -9.63 -5.44
C GLY A 221 -30.67 -10.79 -5.23
N GLU A 222 -30.09 -11.31 -6.32
N GLU A 222 -30.00 -11.23 -6.29
CA GLU A 222 -29.04 -12.34 -6.23
CA GLU A 222 -29.03 -12.33 -6.22
C GLU A 222 -27.68 -11.87 -6.71
C GLU A 222 -27.68 -11.88 -6.71
N ASP A 223 -26.63 -12.13 -5.93
CA ASP A 223 -25.27 -11.75 -6.33
C ASP A 223 -24.95 -12.22 -7.73
N GLN A 224 -24.34 -11.33 -8.48
CA GLN A 224 -23.91 -11.58 -9.86
C GLN A 224 -22.45 -11.23 -9.98
N THR A 225 -21.63 -12.19 -10.44
CA THR A 225 -20.24 -11.90 -10.76
C THR A 225 -19.97 -12.02 -12.27
N GLN A 226 -20.63 -12.86 -12.98
CA GLN A 226 -20.46 -12.87 -14.45
C GLN A 226 -20.85 -11.53 -15.04
N ASP A 227 -20.14 -11.15 -16.12
CA ASP A 227 -20.47 -9.90 -16.77
C ASP A 227 -20.16 -8.72 -15.87
N THR A 228 -19.29 -8.88 -14.92
CA THR A 228 -18.89 -7.76 -14.03
C THR A 228 -17.39 -7.52 -14.09
N GLU A 229 -17.00 -6.31 -13.69
CA GLU A 229 -15.58 -5.98 -13.52
C GLU A 229 -15.43 -5.14 -12.24
N LEU A 230 -14.35 -5.32 -11.50
CA LEU A 230 -14.13 -4.67 -10.18
C LEU A 230 -12.70 -4.21 -10.26
N VAL A 231 -12.37 -2.92 -10.11
CA VAL A 231 -10.98 -2.46 -10.07
C VAL A 231 -10.43 -2.57 -8.65
N GLU A 232 -9.13 -2.69 -8.54
N GLU A 232 -9.11 -2.68 -8.54
CA GLU A 232 -8.47 -2.70 -7.28
CA GLU A 232 -8.44 -2.62 -7.24
C GLU A 232 -8.64 -1.32 -6.61
C GLU A 232 -8.73 -1.29 -6.60
N THR A 233 -8.87 -1.31 -5.30
CA THR A 233 -9.01 -0.07 -4.56
C THR A 233 -7.74 0.73 -4.74
N ARG A 234 -7.89 2.06 -4.94
CA ARG A 234 -6.77 2.88 -5.34
C ARG A 234 -6.75 4.16 -4.55
N PRO A 235 -5.60 4.77 -4.28
CA PRO A 235 -5.54 6.01 -3.54
C PRO A 235 -5.95 7.21 -4.34
N ALA A 236 -6.72 8.10 -3.74
CA ALA A 236 -7.00 9.39 -4.38
C ALA A 236 -5.88 10.35 -4.36
N GLY A 237 -4.99 10.21 -3.39
CA GLY A 237 -3.88 11.08 -3.17
C GLY A 237 -3.97 12.10 -2.04
N ASP A 238 -5.19 12.20 -1.51
CA ASP A 238 -5.52 13.10 -0.42
C ASP A 238 -5.79 12.33 0.88
N GLY A 239 -5.35 11.07 0.93
CA GLY A 239 -5.56 10.21 2.05
C GLY A 239 -6.76 9.33 1.99
N THR A 240 -7.65 9.57 1.01
CA THR A 240 -8.81 8.73 0.81
C THR A 240 -8.64 7.77 -0.36
N PHE A 241 -9.65 6.94 -0.55
CA PHE A 241 -9.58 5.85 -1.50
C PHE A 241 -10.78 5.88 -2.48
N GLN A 242 -10.61 5.13 -3.56
CA GLN A 242 -11.56 5.05 -4.61
C GLN A 242 -11.75 3.59 -5.07
N LYS A 243 -12.93 3.25 -5.55
CA LYS A 243 -13.16 1.92 -6.18
C LYS A 243 -14.36 1.99 -7.05
N TRP A 244 -14.45 1.15 -8.06
CA TRP A 244 -15.68 1.01 -8.79
C TRP A 244 -15.86 -0.46 -9.17
N ALA A 245 -17.14 -0.76 -9.49
CA ALA A 245 -17.57 -2.09 -9.92
C ALA A 245 -18.51 -1.87 -11.05
N ALA A 246 -18.48 -2.65 -12.11
CA ALA A 246 -19.35 -2.47 -13.24
C ALA A 246 -20.00 -3.78 -13.63
N VAL A 247 -21.14 -3.64 -14.27
CA VAL A 247 -21.87 -4.81 -14.80
C VAL A 247 -22.38 -4.44 -16.17
N VAL A 248 -22.43 -5.44 -17.08
CA VAL A 248 -23.01 -5.32 -18.42
C VAL A 248 -24.39 -5.92 -18.40
N VAL A 249 -25.39 -5.20 -18.86
CA VAL A 249 -26.80 -5.60 -18.73
C VAL A 249 -27.49 -5.41 -20.06
N PRO A 250 -28.60 -6.09 -20.27
CA PRO A 250 -29.39 -5.82 -21.47
C PRO A 250 -30.05 -4.46 -21.34
N SER A 251 -29.91 -3.68 -22.39
CA SER A 251 -30.53 -2.34 -22.41
C SER A 251 -32.03 -2.48 -22.17
N GLY A 252 -32.47 -1.62 -21.25
CA GLY A 252 -33.86 -1.67 -20.80
C GLY A 252 -34.07 -2.45 -19.51
N GLN A 253 -33.12 -3.24 -19.08
CA GLN A 253 -33.25 -4.03 -17.88
C GLN A 253 -32.41 -3.51 -16.71
N GLU A 254 -31.91 -2.27 -16.81
CA GLU A 254 -31.06 -1.69 -15.80
C GLU A 254 -31.65 -1.73 -14.41
N GLN A 255 -32.97 -1.59 -14.30
N GLN A 255 -32.97 -1.56 -14.31
CA GLN A 255 -33.58 -1.50 -12.99
CA GLN A 255 -33.63 -1.51 -13.00
C GLN A 255 -33.57 -2.81 -12.17
C GLN A 255 -33.57 -2.80 -12.17
N ARG A 256 -33.28 -3.94 -12.80
CA ARG A 256 -33.10 -5.24 -12.11
C ARG A 256 -31.88 -5.29 -11.26
N TYR A 257 -30.88 -4.41 -11.52
CA TYR A 257 -29.55 -4.57 -10.96
C TYR A 257 -29.35 -3.59 -9.81
N THR A 258 -28.74 -4.04 -8.78
CA THR A 258 -28.40 -3.19 -7.64
C THR A 258 -26.98 -3.35 -7.26
N CYS A 259 -26.37 -2.21 -6.86
CA CYS A 259 -25.01 -2.20 -6.38
C CYS A 259 -25.05 -2.00 -4.89
N HIS A 260 -24.34 -2.84 -4.17
CA HIS A 260 -24.36 -2.89 -2.70
C HIS A 260 -23.01 -2.51 -2.18
N VAL A 261 -22.97 -1.51 -1.30
CA VAL A 261 -21.74 -0.92 -0.81
C VAL A 261 -21.61 -1.09 0.68
N GLN A 262 -20.58 -1.80 1.15
CA GLN A 262 -20.31 -2.02 2.55
C GLN A 262 -19.04 -1.38 2.96
N HIS A 263 -19.04 -0.66 4.08
CA HIS A 263 -17.90 0.14 4.54
C HIS A 263 -18.10 0.48 5.98
N GLU A 264 -17.01 0.60 6.75
CA GLU A 264 -17.06 0.86 8.22
C GLU A 264 -17.81 2.15 8.44
N GLY A 265 -17.76 3.08 7.52
CA GLY A 265 -18.39 4.43 7.68
C GLY A 265 -19.86 4.47 7.43
N LEU A 266 -20.45 3.32 7.04
CA LEU A 266 -21.88 3.20 6.75
C LEU A 266 -22.55 2.33 7.84
N PRO A 267 -23.45 2.94 8.64
CA PRO A 267 -24.23 2.21 9.62
C PRO A 267 -24.94 1.01 9.03
N LYS A 268 -25.51 1.16 7.84
CA LYS A 268 -26.01 0.00 7.07
C LYS A 268 -25.53 0.09 5.63
N PRO A 269 -25.39 -1.05 4.95
CA PRO A 269 -24.89 -0.93 3.58
C PRO A 269 -25.85 -0.15 2.69
N LEU A 270 -25.26 0.49 1.68
CA LEU A 270 -26.02 1.30 0.72
C LEU A 270 -26.38 0.43 -0.44
N THR A 271 -27.51 0.67 -1.05
CA THR A 271 -27.95 -0.03 -2.22
C THR A 271 -28.24 1.03 -3.26
N LEU A 272 -27.62 0.92 -4.42
CA LEU A 272 -27.81 1.88 -5.55
C LEU A 272 -28.52 1.14 -6.68
N ARG A 273 -29.38 1.84 -7.40
CA ARG A 273 -30.16 1.29 -8.51
C ARG A 273 -30.34 2.36 -9.57
N TRP A 274 -30.14 2.02 -10.84
CA TRP A 274 -30.45 2.91 -11.96
C TRP A 274 -31.96 2.94 -12.18
N GLU A 275 -32.48 4.04 -11.68
CA GLU A 275 -33.63 4.78 -12.13
C GLU A 275 -33.11 6.22 -11.73
N PRO A 276 -32.25 6.87 -12.59
CA PRO A 276 -31.20 7.85 -12.14
C PRO A 276 -31.66 9.12 -11.38
N MET B 1 14.97 -14.84 -9.22
CA MET B 1 13.68 -14.97 -8.46
C MET B 1 12.43 -14.54 -9.26
N ILE B 2 11.30 -14.53 -8.57
CA ILE B 2 10.03 -14.01 -9.09
C ILE B 2 10.14 -12.57 -9.58
N GLN B 3 9.75 -12.32 -10.81
CA GLN B 3 9.55 -10.91 -11.25
C GLN B 3 8.04 -10.85 -11.47
N ARG B 4 7.42 -9.80 -10.96
N ARG B 4 7.43 -9.78 -10.93
CA ARG B 4 6.00 -9.58 -11.11
CA ARG B 4 6.00 -9.50 -11.03
C ARG B 4 5.80 -8.23 -11.77
C ARG B 4 5.83 -8.20 -11.78
N THR B 5 4.99 -8.21 -12.82
CA THR B 5 4.81 -7.01 -13.62
C THR B 5 3.80 -6.06 -12.99
N PRO B 6 4.01 -4.75 -13.15
CA PRO B 6 3.04 -3.81 -12.56
C PRO B 6 1.63 -3.79 -13.16
N LYS B 7 0.64 -3.73 -12.28
CA LYS B 7 -0.69 -3.26 -12.64
C LYS B 7 -0.68 -1.79 -12.66
N ILE B 8 -1.51 -1.20 -13.51
CA ILE B 8 -1.47 0.24 -13.70
C ILE B 8 -2.91 0.78 -13.83
N GLN B 9 -3.25 1.79 -13.01
CA GLN B 9 -4.48 2.55 -13.16
C GLN B 9 -4.12 4.02 -13.31
N VAL B 10 -4.84 4.70 -14.20
CA VAL B 10 -4.65 6.12 -14.49
C VAL B 10 -6.01 6.79 -14.35
N TYR B 11 -6.03 7.81 -13.50
CA TYR B 11 -7.32 8.36 -13.08
C TYR B 11 -7.09 9.72 -12.45
N SER B 12 -8.19 10.46 -12.34
CA SER B 12 -8.16 11.78 -11.68
C SER B 12 -8.54 11.65 -10.25
N ARG B 13 -8.03 12.54 -9.41
CA ARG B 13 -8.48 12.55 -8.05
C ARG B 13 -9.96 12.89 -7.91
N HIS B 14 -10.40 13.90 -8.61
CA HIS B 14 -11.76 14.42 -8.61
C HIS B 14 -12.41 14.16 -9.94
N PRO B 15 -13.74 14.04 -9.98
CA PRO B 15 -14.39 13.97 -11.25
C PRO B 15 -13.94 15.05 -12.23
N ALA B 16 -13.60 14.68 -13.44
CA ALA B 16 -12.98 15.63 -14.31
C ALA B 16 -13.99 16.58 -14.93
N GLU B 17 -13.62 17.87 -14.95
CA GLU B 17 -14.43 18.92 -15.55
C GLU B 17 -13.47 19.81 -16.30
N ASN B 18 -13.75 20.04 -17.57
CA ASN B 18 -12.83 20.83 -18.40
C ASN B 18 -12.61 22.22 -17.81
N GLY B 19 -11.36 22.67 -17.76
CA GLY B 19 -10.94 23.94 -17.14
C GLY B 19 -10.86 24.04 -15.66
N LYS B 20 -11.15 22.96 -14.92
CA LYS B 20 -11.04 23.00 -13.50
C LYS B 20 -9.83 22.17 -13.14
N SER B 21 -9.03 22.78 -12.30
CA SER B 21 -7.81 22.17 -11.79
C SER B 21 -8.12 20.86 -11.06
N ASN B 22 -7.20 19.90 -11.08
CA ASN B 22 -7.42 18.54 -10.55
C ASN B 22 -6.05 17.88 -10.35
N PHE B 23 -6.03 16.62 -10.11
CA PHE B 23 -4.80 15.84 -9.95
C PHE B 23 -4.90 14.63 -10.83
N LEU B 24 -3.86 14.34 -11.59
CA LEU B 24 -3.77 13.12 -12.44
C LEU B 24 -2.90 12.11 -11.70
N ASN B 25 -3.42 10.92 -11.52
CA ASN B 25 -2.81 9.85 -10.75
C ASN B 25 -2.50 8.69 -11.68
N CYS B 26 -1.32 8.11 -11.44
CA CYS B 26 -0.98 6.79 -12.02
C CYS B 26 -0.52 5.93 -10.86
N TYR B 27 -1.35 4.92 -10.57
CA TYR B 27 -1.13 4.00 -9.51
C TYR B 27 -0.57 2.71 -10.05
N VAL B 28 0.64 2.38 -9.63
CA VAL B 28 1.30 1.18 -10.11
C VAL B 28 1.41 0.26 -8.90
N SER B 29 1.08 -1.03 -9.06
CA SER B 29 1.03 -1.94 -7.90
C SER B 29 1.30 -3.35 -8.36
N GLY B 30 1.53 -4.23 -7.42
CA GLY B 30 1.71 -5.62 -7.69
C GLY B 30 3.04 -6.02 -8.31
N PHE B 31 4.06 -5.15 -8.23
CA PHE B 31 5.31 -5.40 -8.95
C PHE B 31 6.41 -5.81 -8.00
N HIS B 32 7.41 -6.50 -8.58
CA HIS B 32 8.62 -6.86 -7.88
C HIS B 32 9.66 -7.14 -8.97
N PRO B 33 10.89 -6.62 -8.91
CA PRO B 33 11.44 -5.78 -7.82
C PRO B 33 10.91 -4.40 -7.88
N SER B 34 11.37 -3.58 -6.91
CA SER B 34 10.84 -2.24 -6.75
C SER B 34 11.32 -1.20 -7.73
N ASP B 35 12.48 -1.35 -8.32
CA ASP B 35 12.90 -0.32 -9.29
C ASP B 35 11.86 -0.25 -10.43
N ILE B 36 11.45 0.95 -10.76
CA ILE B 36 10.41 1.12 -11.77
C ILE B 36 10.54 2.55 -12.28
N GLU B 37 10.17 2.77 -13.55
CA GLU B 37 10.16 4.11 -14.13
C GLU B 37 8.75 4.44 -14.49
N VAL B 38 8.28 5.61 -14.06
CA VAL B 38 6.94 6.03 -14.36
C VAL B 38 6.91 7.49 -14.79
N ASP B 39 6.30 7.77 -15.94
CA ASP B 39 6.11 9.12 -16.38
C ASP B 39 4.63 9.37 -16.59
N LEU B 40 4.20 10.58 -16.34
CA LEU B 40 2.86 11.02 -16.79
C LEU B 40 3.03 11.85 -18.07
N LEU B 41 2.16 11.67 -19.05
CA LEU B 41 2.30 12.28 -20.37
C LEU B 41 1.09 13.14 -20.69
N LYS B 42 1.36 14.29 -21.26
CA LYS B 42 0.33 15.16 -21.81
C LYS B 42 0.57 15.21 -23.30
N ASN B 43 -0.41 14.78 -24.09
CA ASN B 43 -0.27 14.70 -25.56
C ASN B 43 1.05 14.07 -25.95
N GLY B 44 1.33 12.94 -25.31
CA GLY B 44 2.58 12.21 -25.59
C GLY B 44 3.89 12.70 -24.95
N GLU B 45 3.91 13.91 -24.40
CA GLU B 45 5.13 14.54 -23.93
C GLU B 45 5.16 14.38 -22.43
N ARG B 46 6.33 14.08 -21.92
CA ARG B 46 6.54 13.93 -20.49
C ARG B 46 6.25 15.19 -19.63
N ILE B 47 5.45 15.04 -18.58
CA ILE B 47 5.18 16.10 -17.62
C ILE B 47 6.29 16.14 -16.61
N GLU B 48 6.79 17.36 -16.37
CA GLU B 48 7.88 17.58 -15.44
C GLU B 48 7.20 17.80 -14.06
N LYS B 49 7.89 17.68 -12.95
CA LYS B 49 7.25 18.10 -11.66
C LYS B 49 6.36 17.01 -11.03
N VAL B 50 6.35 15.82 -11.61
CA VAL B 50 5.51 14.74 -11.11
C VAL B 50 6.11 14.29 -9.79
N GLU B 51 5.23 14.03 -8.83
CA GLU B 51 5.64 13.55 -7.52
C GLU B 51 5.20 12.10 -7.35
N HIS B 52 5.75 11.43 -6.35
CA HIS B 52 5.31 10.10 -6.03
C HIS B 52 5.30 9.84 -4.52
N SER B 53 4.50 8.86 -4.14
CA SER B 53 4.46 8.40 -2.75
C SER B 53 5.68 7.64 -2.35
N ASP B 54 5.89 7.44 -1.06
CA ASP B 54 6.98 6.64 -0.55
C ASP B 54 6.70 5.17 -0.79
N LEU B 55 7.73 4.42 -1.18
CA LEU B 55 7.59 3.00 -1.48
C LEU B 55 7.09 2.22 -0.29
N SER B 56 6.06 1.41 -0.58
CA SER B 56 5.52 0.48 0.39
C SER B 56 5.13 -0.81 -0.34
N PHE B 57 4.62 -1.76 0.41
CA PHE B 57 4.28 -3.07 -0.19
C PHE B 57 3.09 -3.69 0.51
N SER B 58 2.52 -4.67 -0.20
CA SER B 58 1.32 -5.33 0.17
C SER B 58 1.61 -6.63 0.85
N LYS B 59 0.52 -7.38 1.16
CA LYS B 59 0.63 -8.55 1.97
C LYS B 59 1.45 -9.63 1.24
N ASP B 60 1.39 -9.64 -0.12
CA ASP B 60 2.17 -10.64 -0.84
C ASP B 60 3.57 -10.15 -1.21
N TRP B 61 4.02 -9.07 -0.54
CA TRP B 61 5.38 -8.47 -0.69
C TRP B 61 5.49 -7.60 -1.95
N SER B 62 4.49 -7.56 -2.80
CA SER B 62 4.63 -6.73 -4.03
C SER B 62 4.50 -5.26 -3.69
N PHE B 63 5.18 -4.44 -4.49
CA PHE B 63 5.25 -3.01 -4.24
C PHE B 63 4.14 -2.20 -4.83
N TYR B 64 3.95 -1.02 -4.28
CA TYR B 64 3.00 -0.09 -4.90
C TYR B 64 3.49 1.34 -4.70
N LEU B 65 3.14 2.19 -5.70
CA LEU B 65 3.51 3.61 -5.72
C LEU B 65 2.37 4.38 -6.40
N LEU B 66 2.13 5.59 -5.93
CA LEU B 66 1.28 6.56 -6.63
C LEU B 66 2.17 7.67 -7.19
N TYR B 67 2.05 7.93 -8.47
CA TYR B 67 2.63 9.08 -9.12
C TYR B 67 1.53 10.08 -9.45
N TYR B 68 1.81 11.35 -9.28
CA TYR B 68 0.71 12.30 -9.48
C TYR B 68 1.20 13.64 -9.83
N THR B 69 0.34 14.44 -10.50
CA THR B 69 0.63 15.81 -10.72
C THR B 69 -0.66 16.60 -10.78
N GLU B 70 -0.63 17.91 -10.46
N GLU B 70 -0.58 17.90 -10.53
CA GLU B 70 -1.73 18.82 -10.78
CA GLU B 70 -1.67 18.78 -10.77
C GLU B 70 -1.88 18.78 -12.25
C GLU B 70 -1.85 19.00 -12.26
N PHE B 71 -3.11 19.02 -12.72
CA PHE B 71 -3.39 19.24 -14.12
C PHE B 71 -4.74 19.86 -14.27
N THR B 72 -4.97 20.40 -15.42
CA THR B 72 -6.28 21.01 -15.77
C THR B 72 -6.80 20.32 -16.98
N PRO B 73 -7.71 19.35 -16.84
CA PRO B 73 -8.17 18.71 -18.06
C PRO B 73 -8.96 19.62 -18.98
N THR B 74 -8.91 19.26 -20.26
CA THR B 74 -9.70 19.89 -21.31
C THR B 74 -10.36 18.85 -22.23
N GLU B 75 -11.17 19.35 -23.14
CA GLU B 75 -11.82 18.47 -24.06
C GLU B 75 -10.79 17.80 -24.99
N LYS B 76 -9.75 18.52 -25.41
CA LYS B 76 -8.82 18.05 -26.40
C LYS B 76 -7.60 17.30 -25.88
N ASP B 77 -7.08 17.69 -24.71
CA ASP B 77 -5.77 17.23 -24.29
C ASP B 77 -5.94 15.79 -23.85
N GLU B 78 -4.96 14.99 -24.18
CA GLU B 78 -4.92 13.58 -23.79
C GLU B 78 -3.84 13.37 -22.79
N TYR B 79 -4.08 12.44 -21.86
CA TYR B 79 -3.14 12.19 -20.80
C TYR B 79 -2.92 10.71 -20.72
N ALA B 80 -1.72 10.32 -20.26
CA ALA B 80 -1.43 8.89 -20.09
C ALA B 80 -0.37 8.74 -19.06
N CYS B 81 -0.17 7.47 -18.70
CA CYS B 81 0.94 7.03 -17.85
C CYS B 81 1.80 6.04 -18.59
N ARG B 82 3.12 6.24 -18.56
CA ARG B 82 4.04 5.34 -19.21
C ARG B 82 4.94 4.67 -18.18
N VAL B 83 5.01 3.36 -18.27
CA VAL B 83 5.68 2.59 -17.24
C VAL B 83 6.73 1.67 -17.84
N ASN B 84 7.92 1.71 -17.28
CA ASN B 84 8.92 0.65 -17.57
C ASN B 84 9.36 -0.07 -16.32
N HIS B 85 9.69 -1.31 -16.52
CA HIS B 85 10.03 -2.22 -15.44
C HIS B 85 10.77 -3.38 -16.08
N VAL B 86 11.55 -4.11 -15.27
CA VAL B 86 12.41 -5.17 -15.79
C VAL B 86 11.58 -6.23 -16.52
N THR B 87 10.34 -6.40 -16.04
CA THR B 87 9.32 -7.31 -16.68
C THR B 87 8.77 -6.85 -18.01
N LEU B 88 9.02 -5.62 -18.46
CA LEU B 88 8.49 -5.13 -19.72
C LEU B 88 9.56 -4.97 -20.80
N SER B 89 9.34 -5.57 -21.94
CA SER B 89 10.36 -5.44 -22.99
C SER B 89 10.30 -4.06 -23.68
N GLN B 90 9.17 -3.35 -23.51
N GLN B 90 9.22 -3.31 -23.47
CA GLN B 90 8.96 -1.97 -24.00
CA GLN B 90 9.22 -1.90 -23.81
C GLN B 90 8.19 -1.23 -22.90
C GLN B 90 8.23 -1.22 -22.90
N PRO B 91 8.36 0.11 -22.77
CA PRO B 91 7.43 0.82 -21.88
C PRO B 91 5.95 0.60 -22.26
N LYS B 92 5.12 0.55 -21.23
CA LYS B 92 3.70 0.34 -21.37
C LYS B 92 3.01 1.68 -21.15
N ILE B 93 2.17 2.05 -22.10
CA ILE B 93 1.41 3.29 -22.00
C ILE B 93 -0.03 2.96 -21.75
N VAL B 94 -0.59 3.60 -20.72
CA VAL B 94 -2.00 3.46 -20.42
C VAL B 94 -2.64 4.83 -20.47
N LYS B 95 -3.58 5.04 -21.40
N LYS B 95 -3.64 4.97 -21.31
CA LYS B 95 -4.26 6.35 -21.57
CA LYS B 95 -4.33 6.23 -21.47
C LYS B 95 -5.32 6.54 -20.49
C LYS B 95 -5.26 6.51 -20.30
N TRP B 96 -5.39 7.79 -19.98
CA TRP B 96 -6.43 8.24 -19.05
C TRP B 96 -7.78 8.25 -19.72
N ASP B 97 -8.72 7.52 -19.12
CA ASP B 97 -10.15 7.60 -19.45
C ASP B 97 -10.91 8.20 -18.27
N ARG B 98 -11.53 9.36 -18.42
CA ARG B 98 -12.19 10.06 -17.29
C ARG B 98 -13.34 9.33 -16.63
N ASP B 99 -13.78 8.23 -17.24
CA ASP B 99 -14.90 7.46 -16.68
C ASP B 99 -14.45 6.12 -16.06
N MET B 100 -13.16 5.96 -15.87
CA MET B 100 -12.60 4.80 -15.20
C MET B 100 -11.58 5.07 -14.10
N TYR C 1 6.11 4.60 16.72
CA TYR C 1 7.33 4.41 17.57
C TYR C 1 7.99 3.07 17.19
N LEU C 2 9.20 3.13 16.60
CA LEU C 2 9.88 1.95 16.12
C LEU C 2 10.25 1.03 17.25
N GLY C 3 10.35 -0.24 16.88
CA GLY C 3 11.13 -1.15 17.68
C GLY C 3 12.63 -0.91 17.72
N GLY C 4 13.26 -1.57 18.66
CA GLY C 4 14.69 -1.36 18.86
C GLY C 4 15.07 -1.56 20.31
N PRO C 5 16.23 -0.99 20.66
CA PRO C 5 17.13 -0.39 19.64
C PRO C 5 17.84 -1.49 18.80
N ASP C 6 17.83 -2.74 19.29
CA ASP C 6 18.55 -3.86 18.69
C ASP C 6 17.59 -4.72 17.89
N PHE C 7 18.06 -5.23 16.75
CA PHE C 7 17.30 -6.17 15.89
C PHE C 7 18.43 -7.03 15.38
N PRO C 8 18.44 -8.33 15.79
CA PRO C 8 19.59 -9.09 15.36
C PRO C 8 19.57 -9.27 13.85
N THR C 9 20.76 -9.53 13.34
CA THR C 9 20.90 -9.98 12.01
C THR C 9 20.47 -11.46 11.76
N ILE C 10 20.06 -11.71 10.54
CA ILE C 10 19.80 -13.08 9.94
C ILE C 10 20.88 -14.11 10.15
#